data_3QD0
#
_entry.id   3QD0
#
_cell.length_a   123.943
_cell.length_b   123.943
_cell.length_c   46.987
_cell.angle_alpha   90.000
_cell.angle_beta   90.000
_cell.angle_gamma   120.000
#
_symmetry.space_group_name_H-M   'P 32 2 1'
#
loop_
_entity.id
_entity.type
_entity.pdbx_description
1 polymer '3-phosphoinositide-dependent protein kinase 1'
2 non-polymer GLYCEROL
3 non-polymer 'SULFATE ION'
4 non-polymer (3S,6R)-1-[2-amino-6-(3-amino-2H-indazol-6-yl)pyrimidin-4-yl]-6-methyl-N-phenylpiperidine-3-carboxamide
5 water water
#
_entity_poly.entity_id   1
_entity_poly.type   'polypeptide(L)'
_entity_poly.pdbx_seq_one_letter_code
;GPAMDGTAAEPRPGAGSLQHAQPPPQPRKKRPEDFKFGKILGEGSFSTVVLARELATSREYAIKILEKRHIIKENKVPYV
TRERDVMSRLDHPFFVKLYFTFQDDEKLYFGLSYAKNGELLKYIRKIGSFDETCTRFYTAEIVSALEYLHGKGIIHRDLK
PENILLNEDMHIQITDFGTAKVLSPESKQARAN(SEP)FVGTAQYVSPELLTEKSACKSSDLWALGCIIYQLVAGLPPFR
AGNEYLIFQKIIKLEYDFPEKFFPKARDLVEKLLVLDATKRLGCEEMEGYGPLKAHPFFESVTWENLHQQTPPKLT
;
_entity_poly.pdbx_strand_id   A
#
# COMPACT_ATOMS: atom_id res chain seq x y z
N GLN A 26 -27.87 1.43 -12.30
CA GLN A 26 -27.06 2.03 -11.23
C GLN A 26 -27.85 3.07 -10.42
N PRO A 27 -27.62 3.11 -9.09
CA PRO A 27 -28.32 4.08 -8.21
C PRO A 27 -28.03 5.51 -8.64
N ARG A 28 -28.92 6.44 -8.32
CA ARG A 28 -28.73 7.88 -8.65
C ARG A 28 -27.38 8.40 -8.16
N LYS A 29 -26.89 9.47 -8.77
CA LYS A 29 -25.68 10.16 -8.27
C LYS A 29 -25.92 10.58 -6.82
N LYS A 30 -24.96 10.36 -5.93
CA LYS A 30 -25.11 10.87 -4.57
C LYS A 30 -24.72 12.35 -4.47
N ARG A 31 -24.98 12.98 -3.33
CA ARG A 31 -24.60 14.38 -3.12
C ARG A 31 -24.18 14.63 -1.66
N PRO A 32 -23.50 15.77 -1.38
CA PRO A 32 -23.00 15.98 -0.03
C PRO A 32 -24.12 15.85 1.01
N GLU A 33 -25.32 16.32 0.66
CA GLU A 33 -26.43 16.34 1.62
C GLU A 33 -26.92 14.92 1.95
N ASP A 34 -26.50 13.92 1.17
CA ASP A 34 -26.85 12.52 1.46
C ASP A 34 -26.05 11.94 2.63
N PHE A 35 -25.08 12.70 3.14
CA PHE A 35 -24.17 12.19 4.17
C PHE A 35 -24.10 13.06 5.42
N LYS A 36 -23.83 12.42 6.54
CA LYS A 36 -23.40 13.15 7.72
C LYS A 36 -21.89 12.97 7.83
N PHE A 37 -21.13 14.06 7.70
CA PHE A 37 -19.67 13.96 7.77
C PHE A 37 -19.19 14.01 9.21
N GLY A 38 -18.14 13.25 9.51
CA GLY A 38 -17.51 13.27 10.83
C GLY A 38 -16.02 13.61 10.81
N LYS A 39 -15.24 12.76 11.46
CA LYS A 39 -13.83 13.05 11.67
C LYS A 39 -12.95 12.87 10.45
N ILE A 40 -11.83 13.57 10.45
CA ILE A 40 -10.83 13.46 9.38
C ILE A 40 -10.07 12.15 9.57
N LEU A 41 -9.96 11.39 8.49
CA LEU A 41 -9.28 10.09 8.52
C LEU A 41 -7.86 10.20 7.92
N GLY A 42 -7.65 11.18 7.06
CA GLY A 42 -6.36 11.31 6.41
C GLY A 42 -6.24 12.67 5.76
N GLU A 43 -5.02 13.20 5.73
CA GLU A 43 -4.80 14.52 5.16
C GLU A 43 -3.57 14.53 4.29
N GLY A 44 -3.68 15.20 3.16
CA GLY A 44 -2.51 15.44 2.32
C GLY A 44 -2.54 16.86 1.78
N SER A 45 -1.50 17.23 1.03
CA SER A 45 -1.44 18.54 0.40
C SER A 45 -2.56 18.77 -0.61
N PHE A 46 -3.06 17.71 -1.24
CA PHE A 46 -4.02 17.88 -2.36
C PHE A 46 -5.43 17.34 -2.11
N SER A 47 -5.63 16.66 -0.97
CA SER A 47 -6.92 16.06 -0.65
C SER A 47 -6.99 15.72 0.83
N THR A 48 -8.22 15.48 1.29
CA THR A 48 -8.55 15.14 2.69
C THR A 48 -9.59 14.02 2.67
N VAL A 49 -9.42 13.03 3.54
CA VAL A 49 -10.38 11.94 3.62
C VAL A 49 -11.15 12.08 4.92
N VAL A 50 -12.48 12.07 4.82
CA VAL A 50 -13.35 12.30 5.97
C VAL A 50 -14.33 11.14 6.14
N LEU A 51 -14.54 10.70 7.38
CA LEU A 51 -15.54 9.66 7.64
C LEU A 51 -16.93 10.23 7.36
N ALA A 52 -17.79 9.49 6.66
CA ALA A 52 -19.16 9.93 6.40
C ALA A 52 -20.13 8.75 6.52
N ARG A 53 -21.28 9.03 7.12
CA ARG A 53 -22.39 8.06 7.15
C ARG A 53 -23.45 8.42 6.13
N GLU A 54 -23.77 7.49 5.23
CA GLU A 54 -24.82 7.75 4.27
C GLU A 54 -26.17 7.71 5.02
N LEU A 55 -26.98 8.75 4.91
CA LEU A 55 -28.18 8.81 5.76
C LEU A 55 -29.22 7.71 5.42
N ALA A 56 -29.45 7.49 4.13
CA ALA A 56 -30.46 6.53 3.69
C ALA A 56 -30.17 5.06 4.02
N THR A 57 -28.91 4.72 4.29
CA THR A 57 -28.48 3.32 4.41
C THR A 57 -27.76 3.05 5.70
N SER A 58 -27.39 4.13 6.38
CA SER A 58 -26.52 4.05 7.56
C SER A 58 -25.09 3.44 7.31
N ARG A 59 -24.70 3.29 6.04
CA ARG A 59 -23.34 2.80 5.72
C ARG A 59 -22.27 3.89 5.91
N GLU A 60 -21.13 3.48 6.42
CA GLU A 60 -19.98 4.38 6.58
C GLU A 60 -18.98 4.26 5.42
N TYR A 61 -18.55 5.41 4.91
CA TYR A 61 -17.57 5.45 3.83
C TYR A 61 -16.47 6.44 4.25
N ALA A 62 -15.27 6.25 3.70
CA ALA A 62 -14.19 7.23 3.78
C ALA A 62 -14.32 8.05 2.52
N ILE A 63 -14.79 9.28 2.63
CA ILE A 63 -14.96 10.11 1.47
C ILE A 63 -13.75 11.01 1.27
N LYS A 64 -13.09 10.84 0.13
CA LYS A 64 -11.98 11.69 -0.20
C LYS A 64 -12.47 12.94 -0.92
N ILE A 65 -12.09 14.09 -0.40
CA ILE A 65 -12.58 15.37 -0.90
C ILE A 65 -11.42 16.14 -1.54
N LEU A 66 -11.60 16.58 -2.78
CA LEU A 66 -10.54 17.30 -3.48
C LEU A 66 -11.10 18.65 -3.95
N GLU A 67 -10.32 19.71 -3.84
CA GLU A 67 -10.80 20.99 -4.37
C GLU A 67 -10.33 21.13 -5.84
N LYS A 68 -11.29 21.23 -6.76
CA LYS A 68 -10.97 21.23 -8.18
C LYS A 68 -9.95 22.32 -8.55
N ARG A 69 -10.15 23.53 -8.03
CA ARG A 69 -9.25 24.66 -8.31
C ARG A 69 -7.80 24.40 -7.90
N HIS A 70 -7.63 23.86 -6.69
CA HIS A 70 -6.31 23.48 -6.20
C HIS A 70 -5.64 22.37 -7.06
N ILE A 71 -6.42 21.37 -7.44
CA ILE A 71 -5.85 20.27 -8.23
C ILE A 71 -5.37 20.78 -9.60
N ILE A 72 -6.15 21.67 -10.20
CA ILE A 72 -5.78 22.29 -11.47
C ILE A 72 -4.53 23.17 -11.33
N LYS A 73 -4.53 24.03 -10.31
CA LYS A 73 -3.45 25.00 -10.14
C LYS A 73 -2.14 24.30 -9.83
N GLU A 74 -2.22 23.14 -9.18
CA GLU A 74 -1.03 22.39 -8.85
C GLU A 74 -0.70 21.29 -9.88
N ASN A 75 -1.38 21.31 -11.02
CA ASN A 75 -1.21 20.29 -12.06
C ASN A 75 -1.26 18.85 -11.52
N LYS A 76 -2.33 18.53 -10.80
CA LYS A 76 -2.47 17.17 -10.28
C LYS A 76 -3.59 16.40 -10.97
N VAL A 77 -4.16 16.98 -12.03
CA VAL A 77 -5.27 16.30 -12.68
C VAL A 77 -4.93 14.87 -13.10
N PRO A 78 -3.72 14.64 -13.65
CA PRO A 78 -3.42 13.27 -14.06
C PRO A 78 -3.41 12.28 -12.89
N TYR A 79 -2.98 12.69 -11.71
CA TYR A 79 -2.92 11.75 -10.59
C TYR A 79 -4.32 11.43 -10.07
N VAL A 80 -5.19 12.43 -10.06
CA VAL A 80 -6.56 12.23 -9.60
C VAL A 80 -7.29 11.30 -10.54
N THR A 81 -7.10 11.53 -11.84
CA THR A 81 -7.76 10.73 -12.85
C THR A 81 -7.26 9.29 -12.76
N ARG A 82 -5.95 9.14 -12.59
CA ARG A 82 -5.33 7.81 -12.44
C ARG A 82 -5.89 7.03 -11.24
N GLU A 83 -5.98 7.68 -10.08
CA GLU A 83 -6.55 7.04 -8.91
C GLU A 83 -7.99 6.61 -9.15
N ARG A 84 -8.79 7.50 -9.70
CA ARG A 84 -10.21 7.21 -9.92
C ARG A 84 -10.31 5.99 -10.83
N ASP A 85 -9.51 5.98 -11.89
CA ASP A 85 -9.58 4.91 -12.87
C ASP A 85 -9.07 3.55 -12.33
N VAL A 86 -8.03 3.57 -11.50
CA VAL A 86 -7.49 2.32 -10.94
C VAL A 86 -8.42 1.79 -9.85
N MET A 87 -8.84 2.66 -8.93
CA MET A 87 -9.59 2.22 -7.74
C MET A 87 -10.99 1.74 -8.09
N SER A 88 -11.46 2.14 -9.27
CA SER A 88 -12.74 1.65 -9.82
C SER A 88 -12.64 0.19 -10.24
N ARG A 89 -11.55 -0.12 -10.93
CA ARG A 89 -11.27 -1.43 -11.54
C ARG A 89 -10.90 -2.56 -10.56
N LEU A 90 -10.56 -2.18 -9.34
CA LEU A 90 -10.05 -3.18 -8.42
C LEU A 90 -11.19 -3.82 -7.65
N ASP A 91 -11.21 -5.15 -7.68
CA ASP A 91 -12.28 -5.90 -7.07
C ASP A 91 -11.63 -7.05 -6.33
N HIS A 92 -11.04 -6.76 -5.19
CA HIS A 92 -10.34 -7.78 -4.40
C HIS A 92 -10.42 -7.29 -2.95
N PRO A 93 -10.64 -8.20 -1.98
CA PRO A 93 -10.78 -7.79 -0.57
C PRO A 93 -9.58 -7.03 0.03
N PHE A 94 -8.37 -7.17 -0.51
CA PHE A 94 -7.21 -6.50 0.14
C PHE A 94 -6.96 -5.08 -0.38
N PHE A 95 -7.96 -4.52 -1.06
CA PHE A 95 -7.85 -3.15 -1.57
C PHE A 95 -9.04 -2.32 -1.16
N VAL A 96 -8.74 -1.07 -0.80
CA VAL A 96 -9.79 -0.06 -0.68
C VAL A 96 -10.44 0.11 -2.05
N LYS A 97 -11.77 0.11 -2.07
CA LYS A 97 -12.55 0.19 -3.31
C LYS A 97 -13.16 1.60 -3.46
N LEU A 98 -13.29 2.06 -4.69
CA LEU A 98 -13.98 3.31 -4.99
C LEU A 98 -15.44 2.95 -5.37
N TYR A 99 -16.40 3.36 -4.56
CA TYR A 99 -17.81 2.99 -4.79
C TYR A 99 -18.60 3.97 -5.65
N PHE A 100 -18.29 5.25 -5.53
CA PHE A 100 -19.04 6.28 -6.23
C PHE A 100 -18.21 7.56 -6.25
N THR A 101 -18.58 8.49 -7.14
CA THR A 101 -17.98 9.81 -7.15
C THR A 101 -19.10 10.82 -7.34
N PHE A 102 -18.86 12.07 -6.92
CA PHE A 102 -19.79 13.13 -7.25
C PHE A 102 -19.07 14.42 -7.11
N GLN A 103 -19.70 15.50 -7.49
CA GLN A 103 -19.08 16.79 -7.29
C GLN A 103 -20.10 17.90 -6.96
N ASP A 104 -19.61 18.96 -6.35
CA ASP A 104 -20.39 20.18 -6.24
C ASP A 104 -19.60 21.28 -6.95
N ASP A 105 -19.94 22.54 -6.74
CA ASP A 105 -19.28 23.61 -7.48
C ASP A 105 -17.77 23.63 -7.29
N GLU A 106 -17.31 23.36 -6.07
CA GLU A 106 -15.90 23.53 -5.73
C GLU A 106 -15.11 22.21 -5.64
N LYS A 107 -15.78 21.12 -5.30
CA LYS A 107 -15.10 19.91 -4.83
C LYS A 107 -15.50 18.65 -5.59
N LEU A 108 -14.54 17.71 -5.69
CA LEU A 108 -14.77 16.32 -6.08
C LEU A 108 -14.86 15.46 -4.84
N TYR A 109 -15.71 14.45 -4.87
CA TYR A 109 -15.88 13.53 -3.73
C TYR A 109 -15.75 12.10 -4.28
N PHE A 110 -14.88 11.30 -3.66
CA PHE A 110 -14.74 9.88 -4.00
C PHE A 110 -15.19 9.07 -2.79
N GLY A 111 -16.16 8.18 -2.96
CA GLY A 111 -16.62 7.35 -1.85
C GLY A 111 -15.75 6.09 -1.82
N LEU A 112 -14.92 5.95 -0.79
CA LEU A 112 -14.00 4.81 -0.64
C LEU A 112 -14.40 3.92 0.52
N SER A 113 -13.95 2.65 0.47
CA SER A 113 -13.97 1.76 1.62
C SER A 113 -13.44 2.44 2.88
N TYR A 114 -14.15 2.25 3.98
CA TYR A 114 -13.69 2.71 5.29
C TYR A 114 -12.99 1.56 6.01
N ALA A 115 -11.68 1.72 6.24
CA ALA A 115 -10.90 0.72 6.99
C ALA A 115 -10.76 1.23 8.43
N LYS A 116 -11.52 0.65 9.34
CA LYS A 116 -11.75 1.25 10.66
C LYS A 116 -10.49 1.31 11.54
N ASN A 117 -9.58 0.37 11.34
CA ASN A 117 -8.39 0.31 12.19
C ASN A 117 -7.17 1.12 11.71
N GLY A 118 -7.34 1.84 10.62
CA GLY A 118 -6.33 2.81 10.23
C GLY A 118 -5.08 2.17 9.64
N GLU A 119 -3.95 2.84 9.78
CA GLU A 119 -2.70 2.45 9.11
C GLU A 119 -1.94 1.34 9.81
N LEU A 120 -1.39 0.45 9.00
CA LEU A 120 -0.41 -0.52 9.45
C LEU A 120 0.74 0.17 10.23
N LEU A 121 1.14 1.37 9.79
CA LEU A 121 2.21 2.12 10.48
C LEU A 121 1.89 2.33 11.96
N LYS A 122 0.64 2.67 12.25
CA LYS A 122 0.22 2.83 13.65
C LYS A 122 0.44 1.56 14.48
N TYR A 123 0.17 0.38 13.90
CA TYR A 123 0.42 -0.86 14.64
C TYR A 123 1.87 -1.17 14.88
N ILE A 124 2.70 -0.92 13.88
CA ILE A 124 4.14 -1.09 14.05
C ILE A 124 4.66 -0.17 15.18
N ARG A 125 4.22 1.07 15.21
CA ARG A 125 4.63 2.01 16.25
C ARG A 125 4.12 1.58 17.61
N LYS A 126 2.90 1.07 17.63
CA LYS A 126 2.25 0.72 18.88
C LYS A 126 2.87 -0.51 19.55
N ILE A 127 3.14 -1.58 18.79
CA ILE A 127 3.58 -2.82 19.40
C ILE A 127 5.08 -3.05 19.28
N GLY A 128 5.76 -2.12 18.61
CA GLY A 128 7.19 -2.17 18.42
C GLY A 128 7.59 -2.90 17.16
N SER A 129 7.42 -4.20 17.15
CA SER A 129 7.78 -5.00 16.01
C SER A 129 6.95 -6.26 16.14
N PHE A 130 6.71 -6.94 15.02
CA PHE A 130 5.79 -8.08 14.99
C PHE A 130 6.55 -9.35 15.32
N ASP A 131 5.87 -10.33 15.92
CA ASP A 131 6.46 -11.65 16.08
C ASP A 131 6.37 -12.39 14.75
N GLU A 132 6.91 -13.59 14.67
CA GLU A 132 7.04 -14.24 13.37
C GLU A 132 5.70 -14.67 12.75
N THR A 133 4.78 -15.15 13.59
CA THR A 133 3.43 -15.50 13.15
C THR A 133 2.69 -14.31 12.50
N CYS A 134 2.75 -13.16 13.16
CA CYS A 134 2.13 -11.92 12.62
C CYS A 134 2.86 -11.40 11.38
N THR A 135 4.18 -11.40 11.40
CA THR A 135 4.96 -11.00 10.22
C THR A 135 4.58 -11.85 8.99
N ARG A 136 4.54 -13.18 9.16
CA ARG A 136 4.19 -14.10 8.10
C ARG A 136 2.77 -13.89 7.59
N PHE A 137 1.80 -13.75 8.48
CA PHE A 137 0.43 -13.55 8.02
C PHE A 137 0.26 -12.26 7.19
N TYR A 138 0.71 -11.14 7.73
CA TYR A 138 0.53 -9.86 7.06
C TYR A 138 1.37 -9.74 5.81
N THR A 139 2.57 -10.33 5.81
CA THR A 139 3.39 -10.33 4.60
C THR A 139 2.68 -11.15 3.52
N ALA A 140 2.11 -12.30 3.91
CA ALA A 140 1.36 -13.11 2.95
C ALA A 140 0.16 -12.35 2.36
N GLU A 141 -0.55 -11.58 3.17
CA GLU A 141 -1.66 -10.79 2.60
C GLU A 141 -1.15 -9.73 1.61
N ILE A 142 -0.04 -9.06 1.95
CA ILE A 142 0.54 -8.06 1.03
C ILE A 142 0.99 -8.73 -0.29
N VAL A 143 1.64 -9.88 -0.19
CA VAL A 143 2.07 -10.61 -1.38
C VAL A 143 0.87 -10.99 -2.27
N SER A 144 -0.20 -11.47 -1.64
CA SER A 144 -1.40 -11.92 -2.36
C SER A 144 -2.10 -10.70 -3.03
N ALA A 145 -2.08 -9.55 -2.35
CA ALA A 145 -2.61 -8.29 -2.93
C ALA A 145 -1.78 -7.85 -4.14
N LEU A 146 -0.45 -7.85 -4.02
CA LEU A 146 0.38 -7.48 -5.16
C LEU A 146 0.19 -8.47 -6.33
N GLU A 147 0.02 -9.76 -6.02
CA GLU A 147 -0.17 -10.74 -7.09
C GLU A 147 -1.42 -10.36 -7.90
N TYR A 148 -2.48 -10.00 -7.20
CA TYR A 148 -3.71 -9.56 -7.86
C TYR A 148 -3.46 -8.29 -8.71
N LEU A 149 -2.81 -7.31 -8.10
CA LEU A 149 -2.62 -6.00 -8.72
C LEU A 149 -1.75 -6.16 -9.97
N HIS A 150 -0.64 -6.89 -9.81
CA HIS A 150 0.30 -7.06 -10.90
C HIS A 150 -0.30 -7.88 -12.02
N GLY A 151 -1.16 -8.82 -11.65
CA GLY A 151 -1.87 -9.66 -12.60
C GLY A 151 -2.78 -8.82 -13.47
N LYS A 152 -3.16 -7.64 -13.00
CA LYS A 152 -3.95 -6.70 -13.81
C LYS A 152 -3.10 -5.69 -14.55
N GLY A 153 -1.78 -5.84 -14.50
CA GLY A 153 -0.89 -4.91 -15.19
C GLY A 153 -0.81 -3.54 -14.52
N ILE A 154 -1.02 -3.50 -13.21
CA ILE A 154 -1.02 -2.24 -12.45
C ILE A 154 0.11 -2.33 -11.43
N ILE A 155 0.91 -1.28 -11.36
CA ILE A 155 1.96 -1.17 -10.36
C ILE A 155 1.62 0.00 -9.43
N HIS A 156 1.79 -0.20 -8.12
CA HIS A 156 1.40 0.83 -7.14
C HIS A 156 2.39 2.02 -7.17
N ARG A 157 3.69 1.71 -7.09
CA ARG A 157 4.77 2.69 -7.12
C ARG A 157 4.97 3.53 -5.86
N ASP A 158 4.04 3.47 -4.89
CA ASP A 158 4.31 4.15 -3.63
C ASP A 158 3.81 3.38 -2.43
N LEU A 159 4.02 2.06 -2.43
CA LEU A 159 3.54 1.17 -1.36
C LEU A 159 4.31 1.41 -0.08
N LYS A 160 3.62 1.55 1.06
CA LYS A 160 4.25 1.82 2.35
C LYS A 160 3.28 1.54 3.53
N PRO A 161 3.81 1.45 4.75
CA PRO A 161 2.92 1.09 5.85
C PRO A 161 1.84 2.13 6.07
N GLU A 162 2.04 3.34 5.55
CA GLU A 162 1.09 4.45 5.71
C GLU A 162 -0.14 4.26 4.82
N ASN A 163 0.00 3.52 3.71
CA ASN A 163 -1.16 3.28 2.86
C ASN A 163 -1.62 1.84 2.79
N ILE A 164 -1.11 1.04 3.72
CA ILE A 164 -1.64 -0.30 3.92
C ILE A 164 -2.52 -0.20 5.14
N LEU A 165 -3.83 -0.19 4.93
CA LEU A 165 -4.77 0.04 6.04
C LEU A 165 -5.24 -1.29 6.62
N LEU A 166 -5.91 -1.23 7.77
CA LEU A 166 -6.48 -2.43 8.41
C LEU A 166 -7.97 -2.27 8.60
N ASN A 167 -8.74 -3.24 8.14
CA ASN A 167 -10.18 -3.13 8.35
C ASN A 167 -10.59 -3.55 9.76
N GLU A 168 -11.88 -3.48 10.02
CA GLU A 168 -12.45 -3.85 11.32
C GLU A 168 -12.06 -5.28 11.70
N ASP A 169 -11.97 -6.17 10.72
CA ASP A 169 -11.53 -7.54 11.01
C ASP A 169 -10.03 -7.77 11.00
N MET A 170 -9.26 -6.69 10.80
CA MET A 170 -7.79 -6.72 10.90
C MET A 170 -7.12 -7.40 9.68
N HIS A 171 -7.84 -7.46 8.58
CA HIS A 171 -7.25 -7.76 7.28
C HIS A 171 -6.77 -6.47 6.61
N ILE A 172 -5.78 -6.55 5.71
CA ILE A 172 -5.30 -5.34 5.04
C ILE A 172 -6.26 -4.81 3.98
N GLN A 173 -6.17 -3.52 3.71
CA GLN A 173 -6.82 -2.89 2.58
C GLN A 173 -5.87 -1.78 2.12
N ILE A 174 -5.31 -1.99 0.93
CA ILE A 174 -4.32 -1.09 0.39
C ILE A 174 -5.03 0.06 -0.33
N THR A 175 -4.50 1.29 -0.18
CA THR A 175 -5.13 2.46 -0.74
C THR A 175 -4.09 3.38 -1.41
N ASP A 176 -4.52 4.57 -1.85
CA ASP A 176 -3.61 5.68 -2.27
C ASP A 176 -2.97 5.37 -3.63
N PHE A 177 -3.79 5.46 -4.69
CA PHE A 177 -3.40 4.97 -6.02
C PHE A 177 -3.06 6.05 -7.05
N GLY A 178 -2.91 7.29 -6.60
CA GLY A 178 -2.54 8.39 -7.49
C GLY A 178 -1.26 8.16 -8.29
N THR A 179 -0.29 7.49 -7.69
CA THR A 179 1.01 7.26 -8.36
C THR A 179 1.04 5.97 -9.16
N ALA A 180 -0.10 5.26 -9.24
CA ALA A 180 -0.12 3.94 -9.86
C ALA A 180 0.20 4.05 -11.36
N LYS A 181 0.86 3.04 -11.91
CA LYS A 181 1.16 3.00 -13.35
C LYS A 181 0.39 1.83 -13.95
N VAL A 182 -0.21 2.06 -15.11
CA VAL A 182 -1.00 1.04 -15.76
C VAL A 182 -0.22 0.60 -16.97
N LEU A 183 0.14 -0.69 -17.04
CA LEU A 183 1.05 -1.16 -18.08
C LEU A 183 0.42 -1.29 -19.49
N SER A 184 1.04 -0.64 -20.47
CA SER A 184 0.53 -0.64 -21.84
C SER A 184 0.41 -2.06 -22.42
N GLY A 197 8.58 8.51 -4.90
CA GLY A 197 7.72 8.20 -3.77
C GLY A 197 8.34 8.59 -2.44
N THR A 198 7.92 7.91 -1.38
CA THR A 198 8.40 8.18 -0.02
C THR A 198 9.80 7.65 0.16
N ALA A 199 10.71 8.54 0.57
CA ALA A 199 12.16 8.27 0.52
C ALA A 199 12.57 6.88 0.97
N GLN A 200 12.10 6.48 2.16
CA GLN A 200 12.54 5.23 2.78
C GLN A 200 12.28 3.98 1.93
N TYR A 201 11.24 4.02 1.10
CA TYR A 201 10.83 2.84 0.35
C TYR A 201 11.13 2.96 -1.18
N VAL A 202 11.83 4.02 -1.57
CA VAL A 202 12.18 4.26 -2.99
C VAL A 202 13.16 3.22 -3.51
N SER A 203 12.85 2.59 -4.65
CA SER A 203 13.75 1.58 -5.24
C SER A 203 14.92 2.27 -5.98
N PRO A 204 16.05 1.59 -6.06
CA PRO A 204 17.25 2.18 -6.68
C PRO A 204 17.03 2.58 -8.13
N GLU A 205 16.16 1.89 -8.87
CA GLU A 205 15.91 2.22 -10.27
C GLU A 205 15.29 3.61 -10.43
N LEU A 206 14.53 4.06 -9.44
CA LEU A 206 14.08 5.45 -9.44
C LEU A 206 15.25 6.43 -9.35
N LEU A 207 16.20 6.14 -8.47
CA LEU A 207 17.30 7.06 -8.21
C LEU A 207 18.34 7.12 -9.35
N THR A 208 18.38 6.07 -10.17
CA THR A 208 19.42 5.95 -11.18
C THR A 208 18.87 6.01 -12.60
N GLU A 209 17.58 5.72 -12.77
CA GLU A 209 16.99 5.66 -14.10
C GLU A 209 15.69 6.45 -14.21
N LYS A 210 15.19 6.96 -13.09
CA LYS A 210 13.88 7.58 -13.11
C LYS A 210 12.84 6.64 -13.72
N SER A 211 13.04 5.32 -13.58
CA SER A 211 12.06 4.34 -14.06
C SER A 211 11.47 3.47 -12.94
N ALA A 212 10.40 2.74 -13.25
CA ALA A 212 9.76 1.82 -12.29
C ALA A 212 9.00 0.68 -12.99
N CYS A 213 8.93 -0.48 -12.34
CA CYS A 213 8.26 -1.65 -12.92
C CYS A 213 7.61 -2.46 -11.77
N LYS A 214 7.04 -3.63 -12.06
CA LYS A 214 6.47 -4.43 -10.98
C LYS A 214 7.47 -4.63 -9.86
N SER A 215 8.74 -4.72 -10.26
CA SER A 215 9.82 -4.99 -9.32
C SER A 215 10.03 -3.86 -8.31
N SER A 216 9.63 -2.64 -8.64
CA SER A 216 9.68 -1.55 -7.66
C SER A 216 8.76 -1.81 -6.44
N ASP A 217 7.58 -2.37 -6.69
CA ASP A 217 6.67 -2.77 -5.60
C ASP A 217 7.30 -3.89 -4.75
N LEU A 218 8.07 -4.78 -5.39
CA LEU A 218 8.70 -5.90 -4.66
C LEU A 218 9.82 -5.41 -3.76
N TRP A 219 10.51 -4.37 -4.21
CA TRP A 219 11.51 -3.69 -3.37
C TRP A 219 10.83 -3.08 -2.16
N ALA A 220 9.72 -2.37 -2.38
CA ALA A 220 8.95 -1.83 -1.25
C ALA A 220 8.52 -2.94 -0.28
N LEU A 221 8.08 -4.07 -0.82
CA LEU A 221 7.72 -5.22 0.00
C LEU A 221 8.89 -5.65 0.90
N GLY A 222 10.11 -5.73 0.33
CA GLY A 222 11.30 -6.06 1.11
C GLY A 222 11.50 -5.11 2.30
N CYS A 223 11.36 -3.81 2.04
CA CYS A 223 11.48 -2.80 3.09
C CYS A 223 10.43 -2.96 4.18
N ILE A 224 9.19 -3.23 3.74
CA ILE A 224 8.09 -3.41 4.68
C ILE A 224 8.28 -4.67 5.56
N ILE A 225 8.70 -5.79 4.97
CA ILE A 225 8.95 -6.98 5.78
C ILE A 225 10.04 -6.69 6.84
N TYR A 226 11.11 -6.04 6.39
CA TYR A 226 12.16 -5.62 7.31
C TYR A 226 11.59 -4.78 8.48
N GLN A 227 10.76 -3.79 8.15
CA GLN A 227 10.20 -2.86 9.14
C GLN A 227 9.24 -3.62 10.08
N LEU A 228 8.48 -4.60 9.57
CA LEU A 228 7.63 -5.40 10.48
C LEU A 228 8.47 -6.16 11.51
N VAL A 229 9.59 -6.71 11.06
CA VAL A 229 10.44 -7.54 11.91
C VAL A 229 11.34 -6.71 12.84
N ALA A 230 12.01 -5.69 12.28
CA ALA A 230 12.98 -4.86 13.03
C ALA A 230 12.32 -3.72 13.76
N GLY A 231 11.14 -3.29 13.29
CA GLY A 231 10.44 -2.18 13.90
C GLY A 231 10.80 -0.84 13.30
N LEU A 232 11.77 -0.84 12.37
CA LEU A 232 12.24 0.36 11.66
C LEU A 232 12.55 -0.02 10.21
N PRO A 233 12.40 0.93 9.28
CA PRO A 233 12.73 0.74 7.87
C PRO A 233 14.24 0.51 7.71
N PRO A 234 14.67 -0.25 6.69
CA PRO A 234 16.09 -0.58 6.62
C PRO A 234 17.01 0.59 6.22
N PHE A 235 16.54 1.49 5.37
CA PHE A 235 17.37 2.62 4.96
C PHE A 235 16.90 3.85 5.75
N ARG A 236 17.66 4.21 6.78
CA ARG A 236 17.32 5.35 7.64
C ARG A 236 18.50 6.30 7.69
N ALA A 237 18.22 7.59 7.74
CA ALA A 237 19.30 8.56 7.88
C ALA A 237 18.71 9.91 8.26
N GLY A 238 19.59 10.87 8.49
CA GLY A 238 19.18 12.19 8.93
C GLY A 238 18.30 12.99 7.97
N ASN A 239 18.42 12.77 6.68
CA ASN A 239 17.63 13.55 5.73
C ASN A 239 17.46 12.74 4.47
N GLU A 240 16.64 13.21 3.54
CA GLU A 240 16.28 12.40 2.38
C GLU A 240 17.50 12.06 1.53
N TYR A 241 18.37 13.06 1.39
CA TYR A 241 19.56 12.88 0.59
C TYR A 241 20.39 11.68 1.07
N LEU A 242 20.62 11.60 2.37
CA LEU A 242 21.43 10.52 2.89
C LEU A 242 20.76 9.16 2.76
N ILE A 243 19.43 9.13 2.82
CA ILE A 243 18.69 7.89 2.63
C ILE A 243 18.90 7.38 1.19
N PHE A 244 18.75 8.27 0.23
CA PHE A 244 19.02 7.95 -1.18
C PHE A 244 20.44 7.43 -1.42
N GLN A 245 21.40 8.03 -0.74
CA GLN A 245 22.78 7.55 -0.81
C GLN A 245 22.88 6.10 -0.37
N LYS A 246 22.22 5.78 0.74
CA LYS A 246 22.27 4.41 1.27
C LYS A 246 21.60 3.39 0.35
N ILE A 247 20.45 3.78 -0.20
CA ILE A 247 19.72 2.91 -1.09
C ILE A 247 20.63 2.50 -2.28
N ILE A 248 21.16 3.47 -3.00
CA ILE A 248 21.97 3.11 -4.17
C ILE A 248 23.23 2.30 -3.86
N LYS A 249 23.70 2.31 -2.60
CA LYS A 249 24.83 1.48 -2.20
C LYS A 249 24.38 0.23 -1.48
N LEU A 250 23.06 0.02 -1.40
CA LEU A 250 22.52 -1.09 -0.62
C LEU A 250 23.13 -1.16 0.79
N GLU A 251 23.21 0.01 1.42
CA GLU A 251 23.78 0.14 2.75
C GLU A 251 22.71 0.03 3.87
N TYR A 252 22.53 -1.18 4.40
CA TYR A 252 21.64 -1.48 5.50
C TYR A 252 22.19 -2.74 6.14
N ASP A 253 21.75 -3.08 7.33
CA ASP A 253 22.12 -4.39 7.85
C ASP A 253 21.02 -4.94 8.75
N PHE A 254 21.10 -6.20 9.10
CA PHE A 254 20.04 -6.83 9.88
C PHE A 254 20.42 -6.86 11.37
N PRO A 255 19.45 -6.60 12.26
CA PRO A 255 19.65 -6.82 13.69
C PRO A 255 19.80 -8.30 13.97
N GLU A 256 20.49 -8.64 15.05
CA GLU A 256 20.68 -10.04 15.43
C GLU A 256 19.37 -10.79 15.63
N LYS A 257 18.33 -10.10 16.09
CA LYS A 257 17.06 -10.77 16.42
C LYS A 257 16.16 -11.06 15.19
N PHE A 258 16.70 -10.97 13.99
CA PHE A 258 15.89 -11.07 12.78
C PHE A 258 15.59 -12.53 12.39
N PHE A 259 14.32 -12.92 12.29
CA PHE A 259 13.98 -14.29 11.89
C PHE A 259 14.76 -14.70 10.64
N PRO A 260 15.56 -15.78 10.71
CA PRO A 260 16.49 -16.12 9.61
C PRO A 260 15.81 -16.33 8.26
N LYS A 261 14.65 -16.97 8.24
CA LYS A 261 13.93 -17.17 6.98
C LYS A 261 13.41 -15.85 6.43
N ALA A 262 13.01 -14.94 7.32
CA ALA A 262 12.60 -13.59 6.92
C ALA A 262 13.82 -12.84 6.38
N ARG A 263 14.97 -13.03 7.03
CA ARG A 263 16.17 -12.38 6.52
C ARG A 263 16.51 -12.85 5.09
N ASP A 264 16.47 -14.16 4.86
CA ASP A 264 16.73 -14.70 3.52
C ASP A 264 15.76 -14.11 2.48
N LEU A 265 14.50 -14.01 2.85
CA LEU A 265 13.48 -13.43 1.95
C LEU A 265 13.80 -11.95 1.64
N VAL A 266 14.09 -11.17 2.68
CA VAL A 266 14.39 -9.76 2.46
C VAL A 266 15.62 -9.64 1.56
N GLU A 267 16.62 -10.49 1.77
CA GLU A 267 17.81 -10.44 0.92
C GLU A 267 17.51 -10.79 -0.53
N LYS A 268 16.42 -11.49 -0.80
CA LYS A 268 16.08 -11.84 -2.18
C LYS A 268 15.17 -10.79 -2.82
N LEU A 269 14.74 -9.81 -2.02
CA LEU A 269 13.93 -8.69 -2.50
C LEU A 269 14.71 -7.38 -2.62
N LEU A 270 15.53 -7.08 -1.61
CA LEU A 270 16.33 -5.87 -1.67
C LEU A 270 17.59 -6.16 -2.50
N VAL A 271 17.41 -6.19 -3.81
CA VAL A 271 18.49 -6.46 -4.74
C VAL A 271 18.61 -5.28 -5.68
N LEU A 272 19.82 -4.77 -5.91
CA LEU A 272 19.92 -3.57 -6.77
C LEU A 272 19.38 -3.83 -8.18
N ASP A 273 19.77 -4.96 -8.74
CA ASP A 273 19.30 -5.35 -10.07
C ASP A 273 17.83 -5.77 -9.99
N ALA A 274 16.95 -4.97 -10.56
CA ALA A 274 15.51 -5.18 -10.38
C ALA A 274 15.03 -6.48 -11.02
N THR A 275 15.73 -6.96 -12.06
CA THR A 275 15.36 -8.23 -12.72
C THR A 275 15.69 -9.46 -11.89
N LYS A 276 16.40 -9.29 -10.78
CA LYS A 276 16.76 -10.43 -9.94
C LYS A 276 15.98 -10.50 -8.63
N ARG A 277 14.95 -9.68 -8.49
CA ARG A 277 14.13 -9.72 -7.26
C ARG A 277 13.13 -10.85 -7.33
N LEU A 278 13.00 -11.59 -6.24
CA LEU A 278 12.06 -12.71 -6.16
C LEU A 278 10.64 -12.18 -6.38
N GLY A 279 9.88 -12.81 -7.28
CA GLY A 279 8.55 -12.31 -7.62
C GLY A 279 8.45 -11.60 -8.97
N CYS A 280 9.57 -11.11 -9.47
CA CYS A 280 9.53 -10.39 -10.75
C CYS A 280 9.42 -11.39 -11.92
N GLU A 281 9.00 -10.90 -13.09
CA GLU A 281 8.78 -11.78 -14.27
C GLU A 281 10.02 -12.56 -14.71
N GLU A 282 11.19 -11.91 -14.64
CA GLU A 282 12.43 -12.60 -14.97
C GLU A 282 12.80 -13.69 -13.95
N MET A 283 12.20 -13.65 -12.77
CA MET A 283 12.41 -14.72 -11.77
C MET A 283 11.19 -15.64 -11.75
N GLU A 284 10.40 -15.56 -12.81
CA GLU A 284 9.23 -16.42 -13.00
C GLU A 284 8.07 -16.19 -12.01
N GLY A 285 7.98 -14.99 -11.45
CA GLY A 285 6.74 -14.53 -10.84
C GLY A 285 6.44 -14.98 -9.42
N TYR A 286 5.16 -15.09 -9.14
CA TYR A 286 4.68 -15.26 -7.76
C TYR A 286 4.82 -16.68 -7.23
N GLY A 287 4.86 -17.66 -8.13
CA GLY A 287 5.07 -19.04 -7.72
C GLY A 287 6.27 -19.21 -6.80
N PRO A 288 7.47 -18.85 -7.29
CA PRO A 288 8.69 -19.02 -6.46
C PRO A 288 8.68 -18.13 -5.20
N LEU A 289 8.08 -16.94 -5.28
CA LEU A 289 7.96 -16.07 -4.11
C LEU A 289 7.09 -16.72 -3.03
N LYS A 290 5.89 -17.17 -3.41
CA LYS A 290 4.99 -17.80 -2.45
C LYS A 290 5.56 -19.12 -1.90
N ALA A 291 6.44 -19.75 -2.68
CA ALA A 291 7.08 -21.02 -2.24
C ALA A 291 8.26 -20.81 -1.29
N HIS A 292 8.61 -19.56 -1.00
CA HIS A 292 9.79 -19.33 -0.16
C HIS A 292 9.54 -19.96 1.21
N PRO A 293 10.60 -20.51 1.83
CA PRO A 293 10.53 -21.18 3.14
C PRO A 293 9.93 -20.29 4.24
N PHE A 294 10.09 -18.97 4.19
CA PHE A 294 9.41 -18.10 5.18
C PHE A 294 7.87 -18.31 5.24
N PHE A 295 7.26 -18.72 4.14
CA PHE A 295 5.79 -18.90 4.04
C PHE A 295 5.33 -20.34 4.21
N GLU A 296 6.22 -21.20 4.70
CA GLU A 296 5.95 -22.64 4.75
C GLU A 296 4.54 -22.98 5.25
N SER A 297 4.17 -22.40 6.39
CA SER A 297 2.87 -22.73 6.98
C SER A 297 1.67 -21.94 6.45
N VAL A 298 1.86 -21.17 5.38
CA VAL A 298 0.78 -20.34 4.87
C VAL A 298 -0.16 -21.12 3.95
N THR A 299 -1.46 -21.03 4.21
CA THR A 299 -2.46 -21.40 3.20
C THR A 299 -2.87 -20.17 2.37
N TRP A 300 -2.45 -20.12 1.10
CA TRP A 300 -2.60 -18.96 0.24
C TRP A 300 -3.99 -18.74 -0.34
N GLU A 301 -4.79 -19.80 -0.39
CA GLU A 301 -6.03 -19.79 -1.16
C GLU A 301 -7.12 -18.83 -0.65
N ASN A 302 -7.27 -18.69 0.66
CA ASN A 302 -8.42 -17.97 1.21
C ASN A 302 -7.98 -17.15 2.42
N LEU A 303 -6.89 -16.40 2.27
CA LEU A 303 -6.35 -15.64 3.40
C LEU A 303 -7.39 -14.70 4.00
N HIS A 304 -8.20 -14.09 3.14
CA HIS A 304 -9.17 -13.11 3.59
C HIS A 304 -10.23 -13.75 4.52
N GLN A 305 -10.39 -15.07 4.40
CA GLN A 305 -11.35 -15.85 5.20
C GLN A 305 -10.76 -16.31 6.54
N GLN A 306 -9.44 -16.27 6.67
CA GLN A 306 -8.79 -16.74 7.89
C GLN A 306 -8.83 -15.67 8.98
N THR A 307 -8.70 -16.09 10.22
CA THR A 307 -8.68 -15.15 11.34
C THR A 307 -7.25 -14.67 11.54
N PRO A 308 -7.00 -13.34 11.51
CA PRO A 308 -5.61 -12.92 11.68
C PRO A 308 -5.10 -13.25 13.09
N PRO A 309 -3.79 -13.48 13.25
CA PRO A 309 -3.19 -13.62 14.58
C PRO A 309 -3.34 -12.30 15.34
N LYS A 310 -3.53 -12.39 16.66
CA LYS A 310 -3.66 -11.19 17.48
C LYS A 310 -2.34 -10.44 17.54
N LEU A 311 -2.39 -9.11 17.40
CA LEU A 311 -1.20 -8.27 17.49
C LEU A 311 -0.94 -7.85 18.94
#